data_3EGK
#
_entry.id   3EGK
#
_cell.length_a   70.20
_cell.length_b   71.43
_cell.length_c   72.58
_cell.angle_alpha   90.00
_cell.angle_beta   100.52
_cell.angle_gamma   90.00
#
_symmetry.space_group_name_H-M   'C 1 2 1'
#
loop_
_entity.id
_entity.type
_entity.pdbx_description
1 polymer 'Thrombin light chain'
2 polymer 'Thrombin heavy chain'
3 polymer 'Hirudin variant-1'
4 non-polymer '{(2S)-1-[N-(tert-butoxycarbonyl)glycyl]pyrrolidin-2-yl}methyl (3-chlorophenyl)acetate'
5 non-polymer 'SODIUM ION'
6 water water
#
loop_
_entity_poly.entity_id
_entity_poly.type
_entity_poly.pdbx_seq_one_letter_code
_entity_poly.pdbx_strand_id
1 'polypeptide(L)' TFGSGEADCGLRPLFEKKSLEDKTERELLESYIDGR L
2 'polypeptide(L)'
;IVEGSDAEIGMSPWQVMLFRKSPQELLCGASLISDRWVLTAAHCLLYPPWDKNFTENDLLVRIGKHSRTRYERNIEKISM
LEKIYIHPRYNWRENLDRDIALMKLKKPVAFSDYIHPVCLPDRETAASLLQAGYKGRVTGWGNLKETWTANVGKGQPSVL
QVVNLPIVERPVCKDSTRIRITDNMFCAGYKPDEGKRGDACEGDSGGPFVMKSPFNNRWYQMGIVSWGEGCDRDGKYGFY
THVFRLKKWIQKVIDQFGE
;
H
3 'polypeptide(L)' GDFEEIPEE(TYS)L I
#
loop_
_chem_comp.id
_chem_comp.type
_chem_comp.name
_chem_comp.formula
M18 non-polymer '{(2S)-1-[N-(tert-butoxycarbonyl)glycyl]pyrrolidin-2-yl}methyl (3-chlorophenyl)acetate' 'C20 H27 Cl N2 O5'
NA non-polymer 'SODIUM ION' 'Na 1'
#
# COMPACT_ATOMS: atom_id res chain seq x y z
N GLU A 6 -16.30 2.00 1.94
CA GLU A 6 -17.74 1.89 1.98
C GLU A 6 -18.24 1.76 3.41
N ALA A 7 -19.51 1.35 3.53
CA ALA A 7 -20.06 1.12 4.85
C ALA A 7 -19.42 -0.13 5.45
N ASP A 8 -18.84 -0.96 4.58
CA ASP A 8 -18.28 -2.23 5.05
C ASP A 8 -16.77 -2.30 4.89
N CYS A 9 -16.14 -1.18 4.54
CA CYS A 9 -14.70 -1.22 4.36
C CYS A 9 -13.97 -1.64 5.62
N GLY A 10 -12.77 -2.20 5.48
CA GLY A 10 -11.91 -2.31 6.64
C GLY A 10 -12.24 -3.46 7.57
N LEU A 11 -13.26 -4.24 7.25
CA LEU A 11 -13.63 -5.45 7.99
C LEU A 11 -13.28 -6.72 7.23
N ARG A 12 -12.31 -7.50 7.70
CA ARG A 12 -11.95 -8.67 6.88
C ARG A 12 -12.91 -9.83 7.06
N PRO A 13 -13.34 -10.49 6.00
CA PRO A 13 -14.24 -11.66 6.12
C PRO A 13 -13.61 -12.82 6.86
N LEU A 14 -12.30 -13.03 6.72
CA LEU A 14 -11.74 -14.20 7.41
C LEU A 14 -11.26 -13.83 8.81
N PHE A 15 -11.36 -12.56 9.20
CA PHE A 15 -10.95 -12.19 10.56
C PHE A 15 -12.07 -11.43 11.25
N GLU A 16 -12.15 -10.10 11.06
CA GLU A 16 -13.13 -9.29 11.78
C GLU A 16 -14.55 -9.86 11.65
N LYS A 17 -14.93 -10.16 10.41
CA LYS A 17 -16.29 -10.65 10.21
C LYS A 17 -16.55 -11.98 10.91
N LYS A 18 -15.51 -12.74 11.23
CA LYS A 18 -15.68 -14.01 11.93
C LYS A 18 -15.23 -13.83 13.38
N SER A 19 -14.75 -12.62 13.63
CA SER A 19 -14.23 -12.31 14.97
C SER A 19 -13.01 -13.17 15.26
N LEU A 20 -12.22 -13.44 14.22
CA LEU A 20 -10.93 -14.10 14.46
C LEU A 20 -9.86 -13.03 14.38
N GLU A 21 -8.79 -13.19 15.14
CA GLU A 21 -7.76 -12.13 15.13
C GLU A 21 -6.56 -12.65 14.36
N ASP A 22 -5.84 -11.86 13.56
CA ASP A 22 -4.63 -12.47 12.95
C ASP A 22 -3.49 -12.51 13.96
N LYS A 23 -2.33 -13.06 13.59
CA LYS A 23 -1.31 -13.29 14.61
C LYS A 23 -0.59 -12.05 15.11
N THR A 24 -0.63 -10.89 14.46
CA THR A 24 0.16 -9.81 15.05
C THR A 24 -0.62 -8.51 15.24
N GLU A 25 -1.94 -8.54 15.07
CA GLU A 25 -2.69 -7.29 15.17
C GLU A 25 -2.63 -6.74 16.59
N ARG A 26 -2.59 -7.59 17.62
CA ARG A 26 -2.42 -7.08 18.97
C ARG A 26 -1.18 -6.20 19.09
N GLU A 27 -0.09 -6.57 18.42
CA GLU A 27 1.11 -5.73 18.45
C GLU A 27 0.78 -4.30 18.03
N LEU A 28 -0.15 -4.17 17.08
CA LEU A 28 -0.53 -2.79 16.73
C LEU A 28 -1.31 -2.16 17.88
N LEU A 29 -2.41 -2.77 18.30
CA LEU A 29 -3.20 -2.37 19.45
C LEU A 29 -2.35 -1.89 20.62
N GLU A 30 -1.25 -2.61 20.84
CA GLU A 30 -0.48 -2.35 22.05
C GLU A 30 0.32 -1.06 21.97
N SER A 31 0.61 -0.62 20.76
CA SER A 31 1.31 0.65 20.61
C SER A 31 0.35 1.82 20.73
N TYR A 32 -0.95 1.55 20.59
CA TYR A 32 -1.89 2.68 20.56
C TYR A 32 -2.19 3.19 21.96
N ILE B 1 8.48 -6.30 4.78
CA ILE B 1 8.92 -6.85 3.51
C ILE B 1 10.42 -7.09 3.43
N VAL B 2 11.20 -6.32 4.16
CA VAL B 2 12.50 -6.76 4.64
C VAL B 2 12.25 -7.19 6.10
N GLU B 3 12.10 -8.49 6.28
CA GLU B 3 11.85 -9.25 7.49
C GLU B 3 10.81 -8.63 8.42
N GLY B 4 9.54 -8.76 8.14
CA GLY B 4 8.87 -9.47 7.09
C GLY B 4 8.46 -10.85 7.57
N SER B 5 7.19 -11.16 7.38
CA SER B 5 6.68 -12.51 7.59
C SER B 5 5.69 -12.82 6.47
N ASP B 6 5.54 -14.10 6.14
CA ASP B 6 4.51 -14.51 5.21
C ASP B 6 3.16 -14.02 5.69
N ALA B 7 2.34 -13.50 4.77
CA ALA B 7 1.00 -13.10 5.24
C ALA B 7 0.17 -14.31 5.68
N GLU B 8 -0.93 -14.04 6.35
CA GLU B 8 -1.97 -15.01 6.63
C GLU B 8 -2.98 -14.93 5.49
N ILE B 9 -3.65 -16.01 5.14
CA ILE B 9 -4.62 -15.95 4.05
C ILE B 9 -5.74 -14.95 4.38
N GLY B 10 -6.18 -14.15 3.42
CA GLY B 10 -7.10 -13.07 3.61
C GLY B 10 -6.71 -12.04 4.65
N MET B 11 -5.44 -11.93 5.03
CA MET B 11 -5.02 -11.00 6.07
C MET B 11 -5.03 -9.55 5.60
N SER B 12 -4.89 -9.38 4.29
CA SER B 12 -4.93 -8.05 3.66
C SER B 12 -5.71 -8.17 2.35
N PRO B 13 -7.04 -8.23 2.46
CA PRO B 13 -7.86 -8.48 1.26
C PRO B 13 -7.93 -7.26 0.35
N TRP B 14 -7.39 -6.13 0.81
CA TRP B 14 -7.35 -4.96 -0.08
C TRP B 14 -6.05 -4.85 -0.87
N GLN B 15 -5.14 -5.79 -0.63
CA GLN B 15 -3.83 -5.67 -1.27
C GLN B 15 -3.95 -5.97 -2.76
N VAL B 16 -3.52 -5.01 -3.57
CA VAL B 16 -3.54 -5.15 -5.03
C VAL B 16 -2.13 -5.27 -5.59
N MET B 17 -1.98 -5.93 -6.74
CA MET B 17 -0.71 -6.04 -7.45
C MET B 17 -0.82 -5.39 -8.84
N LEU B 18 0.09 -4.48 -9.09
CA LEU B 18 0.38 -3.79 -10.33
C LEU B 18 1.24 -4.69 -11.21
N PHE B 19 0.64 -5.27 -12.22
CA PHE B 19 1.30 -6.24 -13.09
C PHE B 19 1.49 -5.71 -14.50
N ARG B 20 2.69 -5.86 -15.04
CA ARG B 20 3.06 -5.54 -16.42
C ARG B 20 2.67 -6.63 -17.41
N LYS B 21 1.93 -6.31 -18.44
CA LYS B 21 1.45 -7.31 -19.40
C LYS B 21 2.58 -7.97 -20.20
N SER B 22 3.52 -7.17 -20.68
CA SER B 22 4.69 -7.69 -21.38
C SER B 22 5.90 -6.78 -21.17
N PRO B 23 6.99 -7.32 -20.61
CA PRO B 23 7.06 -8.66 -20.08
C PRO B 23 6.33 -8.80 -18.74
N GLN B 24 5.45 -9.79 -18.69
CA GLN B 24 4.66 -10.14 -17.53
C GLN B 24 5.53 -10.11 -16.28
N GLU B 25 5.29 -9.13 -15.41
CA GLU B 25 6.16 -8.94 -14.26
C GLU B 25 5.53 -8.08 -13.18
N LEU B 26 6.00 -8.21 -11.95
CA LEU B 26 5.46 -7.39 -10.87
C LEU B 26 6.01 -5.97 -11.04
N LEU B 27 5.12 -5.00 -10.85
CA LEU B 27 5.48 -3.61 -11.07
C LEU B 27 5.51 -2.83 -9.77
N CYS B 28 4.48 -3.05 -8.96
CA CYS B 28 4.25 -2.26 -7.77
C CYS B 28 3.09 -2.82 -6.97
N GLY B 29 2.93 -2.23 -5.79
CA GLY B 29 1.78 -2.52 -4.95
C GLY B 29 0.66 -1.53 -5.23
N ALA B 30 -0.48 -1.77 -4.61
CA ALA B 30 -1.59 -0.83 -4.73
C ALA B 30 -2.65 -1.29 -3.71
N SER B 31 -3.77 -0.60 -3.59
CA SER B 31 -4.82 -0.99 -2.66
C SER B 31 -6.21 -0.79 -3.25
N LEU B 32 -7.17 -1.59 -2.79
CA LEU B 32 -8.54 -1.48 -3.29
C LEU B 32 -9.35 -0.63 -2.31
N ILE B 33 -9.95 0.47 -2.79
CA ILE B 33 -10.63 1.37 -1.85
C ILE B 33 -12.13 1.44 -2.13
N SER B 34 -12.52 0.66 -3.14
CA SER B 34 -13.92 0.54 -3.55
C SER B 34 -14.03 -0.55 -4.61
N ASP B 35 -15.24 -0.87 -5.07
CA ASP B 35 -15.35 -1.93 -6.08
C ASP B 35 -14.70 -1.53 -7.39
N ARG B 36 -14.55 -0.23 -7.66
CA ARG B 36 -13.92 0.15 -8.94
C ARG B 36 -12.76 1.12 -8.80
N TRP B 37 -12.22 1.29 -7.59
CA TRP B 37 -11.08 2.17 -7.40
C TRP B 37 -9.93 1.49 -6.64
N VAL B 38 -8.75 1.61 -7.22
CA VAL B 38 -7.48 1.17 -6.67
C VAL B 38 -6.60 2.39 -6.40
N LEU B 39 -5.91 2.39 -5.28
CA LEU B 39 -5.04 3.50 -4.86
C LEU B 39 -3.60 3.07 -5.02
N THR B 40 -2.73 3.88 -5.61
CA THR B 40 -1.31 3.47 -5.74
C THR B 40 -0.43 4.71 -5.69
N ALA B 41 0.87 4.55 -5.89
CA ALA B 41 1.82 5.67 -5.84
C ALA B 41 2.12 6.19 -7.24
N ALA B 42 2.04 7.49 -7.42
CA ALA B 42 2.26 8.11 -8.74
C ALA B 42 3.53 7.58 -9.38
N HIS B 43 4.61 7.48 -8.63
CA HIS B 43 5.91 7.06 -9.15
C HIS B 43 5.87 5.67 -9.78
N CYS B 44 4.84 4.89 -9.48
CA CYS B 44 4.70 3.55 -10.02
C CYS B 44 4.24 3.56 -11.48
N LEU B 45 3.71 4.70 -11.91
CA LEU B 45 3.20 4.88 -13.26
C LEU B 45 3.99 5.92 -14.03
N LEU B 46 4.47 6.93 -13.29
CA LEU B 46 5.16 8.07 -13.86
C LEU B 46 6.37 8.50 -13.05
N TYR B 47 7.55 8.30 -13.65
CA TYR B 47 8.80 8.67 -12.99
C TYR B 47 9.90 8.83 -14.05
N PRO B 48 9.82 9.97 -14.73
CA PRO B 48 10.73 10.29 -15.83
C PRO B 48 12.19 9.96 -15.59
N PRO B 49 12.82 10.23 -14.47
CA PRO B 49 14.23 9.84 -14.29
C PRO B 49 14.57 8.40 -14.58
N TRP B 50 13.60 7.49 -14.64
CA TRP B 50 13.96 6.10 -14.97
C TRP B 50 13.23 5.66 -16.23
N ASP B 51 12.85 6.65 -17.05
CA ASP B 51 12.12 6.33 -18.28
C ASP B 51 10.85 5.54 -17.96
N LYS B 52 10.02 6.01 -17.04
CA LYS B 52 8.76 5.32 -16.74
C LYS B 52 7.54 6.21 -16.91
N ASN B 53 6.63 5.83 -17.80
CA ASN B 53 5.37 6.54 -18.02
C ASN B 53 4.30 5.56 -18.50
N PHE B 54 3.74 4.75 -17.61
CA PHE B 54 2.74 3.77 -18.05
C PHE B 54 1.35 4.39 -18.26
N THR B 55 0.71 3.90 -19.32
CA THR B 55 -0.67 4.18 -19.69
C THR B 55 -1.56 2.98 -19.36
N GLU B 56 -2.86 3.16 -19.24
CA GLU B 56 -3.82 2.16 -18.82
C GLU B 56 -3.60 0.81 -19.47
N ASN B 57 -3.61 0.81 -20.79
CA ASN B 57 -3.47 -0.42 -21.56
C ASN B 57 -2.13 -1.10 -21.34
N ASP B 58 -1.17 -0.47 -20.67
CA ASP B 58 0.04 -1.24 -20.41
C ASP B 58 -0.10 -2.10 -19.15
N LEU B 59 -1.10 -1.85 -18.31
CA LEU B 59 -1.13 -2.54 -17.02
C LEU B 59 -2.35 -3.41 -16.75
N LEU B 60 -2.18 -4.29 -15.76
CA LEU B 60 -3.29 -5.10 -15.27
C LEU B 60 -3.33 -5.06 -13.75
N VAL B 61 -4.55 -5.17 -13.21
CA VAL B 61 -4.77 -5.15 -11.77
C VAL B 61 -5.09 -6.56 -11.28
N ARG B 62 -4.33 -7.06 -10.31
CA ARG B 62 -4.59 -8.39 -9.75
C ARG B 62 -4.97 -8.31 -8.28
N ILE B 63 -6.18 -8.76 -7.95
CA ILE B 63 -6.75 -8.64 -6.62
C ILE B 63 -7.08 -10.00 -6.01
N GLY B 64 -6.68 -10.19 -4.76
CA GLY B 64 -6.95 -11.35 -3.96
C GLY B 64 -5.78 -12.32 -3.92
N LYS B 65 -4.59 -11.80 -4.24
CA LYS B 65 -3.47 -12.69 -4.46
C LYS B 65 -2.77 -12.99 -3.13
N HIS B 66 -2.22 -14.17 -3.05
CA HIS B 66 -1.36 -14.61 -1.97
C HIS B 66 0.02 -14.89 -2.56
N SER B 67 0.07 -15.71 -3.61
CA SER B 67 1.36 -16.00 -4.24
C SER B 67 1.78 -14.88 -5.18
N ARG B 68 3.07 -14.55 -5.17
CA ARG B 68 3.65 -13.52 -6.03
C ARG B 68 3.49 -13.86 -7.50
N THR B 69 3.91 -15.06 -7.87
CA THR B 69 4.01 -15.41 -9.30
C THR B 69 2.91 -16.34 -9.78
N ARG B 70 2.30 -17.10 -8.88
CA ARG B 70 1.28 -18.05 -9.37
C ARG B 70 0.00 -17.34 -9.77
N TYR B 71 -0.72 -17.91 -10.73
CA TYR B 71 -2.03 -17.39 -11.10
C TYR B 71 -3.12 -18.13 -10.32
N GLU B 72 -3.52 -17.56 -9.20
CA GLU B 72 -4.39 -18.18 -8.20
C GLU B 72 -5.83 -18.27 -8.68
N ARG B 73 -6.12 -19.30 -9.45
CA ARG B 73 -7.38 -19.58 -10.12
C ARG B 73 -8.50 -19.83 -9.11
N ASN B 74 -9.66 -19.25 -9.33
CA ASN B 74 -10.79 -19.28 -8.41
C ASN B 74 -10.57 -18.39 -7.19
N ILE B 75 -9.43 -17.71 -7.05
CA ILE B 75 -9.22 -16.88 -5.87
C ILE B 75 -8.88 -15.43 -6.21
N GLU B 76 -7.82 -15.22 -6.98
CA GLU B 76 -7.46 -13.89 -7.46
C GLU B 76 -8.41 -13.51 -8.59
N LYS B 77 -8.51 -12.20 -8.81
CA LYS B 77 -9.20 -11.57 -9.91
C LYS B 77 -8.30 -10.50 -10.54
N ILE B 78 -8.21 -10.52 -11.86
CA ILE B 78 -7.44 -9.58 -12.67
C ILE B 78 -8.33 -8.56 -13.37
N SER B 79 -8.05 -7.26 -13.24
CA SER B 79 -8.96 -6.26 -13.79
C SER B 79 -8.28 -5.33 -14.80
N MET B 80 -9.09 -4.69 -15.62
CA MET B 80 -8.54 -3.83 -16.67
C MET B 80 -8.72 -2.38 -16.25
N LEU B 81 -7.75 -1.55 -16.65
CA LEU B 81 -7.74 -0.15 -16.28
C LEU B 81 -8.47 0.71 -17.31
N GLU B 82 -9.56 1.28 -16.83
CA GLU B 82 -10.30 2.27 -17.61
C GLU B 82 -9.53 3.59 -17.63
N LYS B 83 -8.90 3.93 -16.50
CA LYS B 83 -8.27 5.24 -16.47
C LYS B 83 -7.33 5.48 -15.30
N ILE B 84 -6.23 6.14 -15.63
CA ILE B 84 -5.22 6.57 -14.68
C ILE B 84 -5.38 8.07 -14.39
N TYR B 85 -5.19 8.44 -13.13
CA TYR B 85 -5.26 9.79 -12.63
C TYR B 85 -4.11 10.06 -11.66
N ILE B 86 -3.14 10.85 -12.08
CA ILE B 86 -2.04 11.29 -11.22
C ILE B 86 -2.32 12.68 -10.65
N HIS B 87 -2.01 12.84 -9.38
CA HIS B 87 -2.08 14.13 -8.71
C HIS B 87 -1.38 15.20 -9.54
N PRO B 88 -2.03 16.34 -9.72
CA PRO B 88 -1.46 17.41 -10.56
C PRO B 88 -0.16 17.97 -9.99
N ARG B 89 -0.01 18.06 -8.67
CA ARG B 89 1.23 18.57 -8.10
C ARG B 89 2.12 17.49 -7.47
N TYR B 90 2.09 16.30 -8.04
CA TYR B 90 3.08 15.27 -7.86
C TYR B 90 4.46 15.77 -8.31
N ASN B 91 5.38 15.84 -7.38
CA ASN B 91 6.75 16.29 -7.56
C ASN B 91 7.69 15.12 -7.79
N TRP B 92 7.71 14.60 -9.01
CA TRP B 92 8.69 13.54 -9.29
C TRP B 92 10.09 14.14 -9.38
N ARG B 93 10.17 15.42 -9.76
CA ARG B 93 11.44 16.08 -9.95
C ARG B 93 12.33 16.09 -8.71
N GLU B 94 11.76 16.39 -7.55
CA GLU B 94 12.60 16.62 -6.37
C GLU B 94 12.45 15.56 -5.30
N ASN B 95 11.25 15.32 -4.76
CA ASN B 95 11.17 14.43 -3.61
C ASN B 95 9.94 13.55 -3.53
N LEU B 96 9.18 13.36 -4.61
CA LEU B 96 7.99 12.52 -4.61
C LEU B 96 6.94 13.05 -3.65
N ASP B 97 6.97 14.36 -3.42
CA ASP B 97 5.86 14.98 -2.70
C ASP B 97 4.55 14.68 -3.43
N ARG B 98 3.50 14.30 -2.71
CA ARG B 98 2.22 13.96 -3.36
C ARG B 98 2.40 12.75 -4.26
N ASP B 99 2.99 11.69 -3.70
CA ASP B 99 3.17 10.43 -4.41
C ASP B 99 1.90 9.60 -4.30
N ILE B 100 0.90 9.92 -5.11
CA ILE B 100 -0.39 9.27 -5.04
C ILE B 100 -1.04 9.19 -6.42
N ALA B 101 -1.84 8.15 -6.64
CA ALA B 101 -2.60 8.07 -7.89
C ALA B 101 -3.76 7.09 -7.73
N LEU B 102 -4.83 7.39 -8.43
CA LEU B 102 -6.05 6.60 -8.52
C LEU B 102 -6.16 5.82 -9.83
N MET B 103 -6.79 4.65 -9.78
CA MET B 103 -7.00 3.89 -11.00
C MET B 103 -8.45 3.44 -11.09
N LYS B 104 -9.22 3.88 -12.10
CA LYS B 104 -10.56 3.33 -12.24
C LYS B 104 -10.46 2.05 -13.08
N LEU B 105 -10.97 0.94 -12.56
CA LEU B 105 -11.00 -0.29 -13.35
C LEU B 105 -12.19 -0.27 -14.29
N LYS B 106 -12.06 -0.99 -15.40
CA LYS B 106 -13.12 -1.00 -16.41
C LYS B 106 -14.41 -1.61 -15.88
N LYS B 107 -14.35 -2.70 -15.11
CA LYS B 107 -15.57 -3.29 -14.55
C LYS B 107 -15.46 -3.37 -13.04
N PRO B 108 -16.55 -3.54 -12.30
CA PRO B 108 -16.45 -3.60 -10.84
C PRO B 108 -15.98 -4.97 -10.39
N VAL B 109 -15.08 -5.05 -9.41
CA VAL B 109 -14.56 -6.35 -8.97
C VAL B 109 -15.49 -6.93 -7.92
N ALA B 110 -15.56 -8.25 -7.85
CA ALA B 110 -16.40 -8.99 -6.92
C ALA B 110 -15.68 -9.28 -5.60
N PHE B 111 -16.33 -8.88 -4.52
CA PHE B 111 -15.78 -9.14 -3.20
C PHE B 111 -15.84 -10.62 -2.87
N SER B 112 -14.92 -11.02 -2.03
CA SER B 112 -14.79 -12.40 -1.56
C SER B 112 -14.08 -12.41 -0.21
N ASP B 113 -13.82 -13.58 0.35
CA ASP B 113 -13.02 -13.61 1.58
C ASP B 113 -11.62 -13.06 1.33
N TYR B 114 -11.17 -13.07 0.07
CA TYR B 114 -9.81 -12.66 -0.27
C TYR B 114 -9.76 -11.24 -0.84
N ILE B 115 -10.92 -10.66 -1.14
CA ILE B 115 -11.12 -9.41 -1.85
C ILE B 115 -12.07 -8.47 -1.13
N HIS B 116 -11.56 -7.36 -0.61
CA HIS B 116 -12.35 -6.45 0.22
C HIS B 116 -11.58 -5.15 0.38
N PRO B 117 -12.25 -4.01 0.24
CA PRO B 117 -11.57 -2.72 0.37
C PRO B 117 -11.25 -2.37 1.83
N VAL B 118 -10.30 -1.45 1.92
CA VAL B 118 -9.86 -0.83 3.16
C VAL B 118 -10.55 0.51 3.31
N CYS B 119 -10.76 1.09 4.48
CA CYS B 119 -11.29 2.45 4.51
C CYS B 119 -10.26 3.56 4.30
N LEU B 120 -10.72 4.74 3.93
CA LEU B 120 -9.81 5.89 3.93
C LEU B 120 -10.04 6.68 5.21
N PRO B 121 -8.99 7.22 5.79
CA PRO B 121 -9.12 7.84 7.12
C PRO B 121 -9.96 9.11 7.02
N ASP B 122 -10.48 9.51 8.17
CA ASP B 122 -11.08 10.83 8.31
C ASP B 122 -10.14 11.65 9.19
N ARG B 123 -10.37 12.95 9.28
CA ARG B 123 -9.50 13.81 10.08
C ARG B 123 -9.36 13.34 11.51
N GLU B 124 -10.45 12.80 12.06
CA GLU B 124 -10.45 12.42 13.48
C GLU B 124 -9.70 11.10 13.63
N THR B 125 -9.95 10.11 12.77
CA THR B 125 -9.15 8.90 12.88
C THR B 125 -7.68 9.24 12.64
N ALA B 126 -7.38 10.05 11.62
CA ALA B 126 -6.01 10.44 11.34
C ALA B 126 -5.36 11.20 12.50
N ALA B 127 -6.06 12.19 13.05
CA ALA B 127 -5.43 12.94 14.14
C ALA B 127 -5.19 11.95 15.26
N SER B 128 -6.20 11.10 15.43
CA SER B 128 -6.20 10.04 16.42
C SER B 128 -4.97 9.15 16.29
N LEU B 129 -4.76 8.48 15.15
CA LEU B 129 -3.78 7.41 15.05
C LEU B 129 -2.47 7.74 14.36
N LEU B 130 -2.37 8.87 13.67
CA LEU B 130 -1.06 9.18 13.09
C LEU B 130 -0.19 9.80 14.20
N GLN B 131 0.31 8.98 15.12
CA GLN B 131 1.16 9.40 16.22
C GLN B 131 2.45 8.59 16.30
N ALA B 132 3.58 9.28 16.45
CA ALA B 132 4.89 8.72 16.70
C ALA B 132 4.82 7.58 17.71
N GLY B 133 5.21 6.37 17.30
CA GLY B 133 5.14 5.26 18.25
C GLY B 133 3.98 4.33 17.90
N TYR B 134 2.90 4.89 17.37
CA TYR B 134 1.79 4.03 16.97
C TYR B 134 2.24 3.21 15.76
N LYS B 135 2.03 1.89 15.81
CA LYS B 135 2.46 1.04 14.71
C LYS B 135 1.36 0.90 13.66
N GLY B 136 1.78 0.84 12.41
CA GLY B 136 0.98 0.58 11.23
C GLY B 136 1.49 -0.71 10.61
N ARG B 137 0.84 -1.19 9.55
CA ARG B 137 1.26 -2.44 8.91
C ARG B 137 1.55 -2.20 7.45
N VAL B 138 2.62 -2.83 6.92
CA VAL B 138 2.81 -2.67 5.48
C VAL B 138 3.04 -4.06 4.87
N THR B 139 2.41 -4.22 3.71
CA THR B 139 2.42 -5.54 3.07
C THR B 139 2.98 -5.44 1.68
N GLY B 140 3.56 -6.53 1.15
CA GLY B 140 3.98 -6.34 -0.24
C GLY B 140 4.75 -7.55 -0.75
N TRP B 141 4.92 -7.58 -2.07
CA TRP B 141 5.59 -8.64 -2.78
C TRP B 141 6.98 -8.19 -3.22
N GLY B 142 7.51 -7.14 -2.59
CA GLY B 142 8.80 -6.60 -3.01
C GLY B 142 9.99 -7.39 -2.53
N ASN B 143 11.19 -6.88 -2.80
CA ASN B 143 12.45 -7.45 -2.36
C ASN B 143 12.47 -7.70 -0.85
N LEU B 144 13.12 -8.78 -0.46
CA LEU B 144 13.30 -9.23 0.91
C LEU B 144 14.55 -8.63 1.55
N LYS B 145 15.32 -7.89 0.76
CA LYS B 145 16.51 -7.18 1.24
C LYS B 145 17.00 -6.25 0.14
N GLU B 146 17.94 -5.35 0.37
CA GLU B 146 18.39 -4.52 -0.76
C GLU B 146 18.96 -5.38 -1.89
N GLN B 156 13.31 -11.58 -3.24
CA GLN B 156 12.09 -12.01 -3.92
C GLN B 156 11.28 -13.01 -3.10
N PRO B 157 10.13 -12.61 -2.57
CA PRO B 157 9.33 -13.48 -1.70
C PRO B 157 8.48 -14.47 -2.48
N SER B 158 8.09 -15.54 -1.81
CA SER B 158 7.19 -16.51 -2.41
C SER B 158 5.74 -16.14 -2.09
N VAL B 159 5.54 -15.54 -0.90
CA VAL B 159 4.15 -15.10 -0.70
C VAL B 159 4.18 -13.65 -0.22
N LEU B 160 3.00 -13.05 -0.20
CA LEU B 160 2.80 -11.71 0.32
C LEU B 160 3.40 -11.58 1.71
N GLN B 161 4.28 -10.59 1.89
CA GLN B 161 4.97 -10.37 3.15
C GLN B 161 4.30 -9.31 4.01
N VAL B 162 4.43 -9.38 5.33
CA VAL B 162 3.79 -8.40 6.21
C VAL B 162 4.79 -7.88 7.23
N VAL B 163 4.65 -6.63 7.67
CA VAL B 163 5.54 -6.05 8.67
C VAL B 163 4.86 -4.91 9.37
N ASN B 164 4.93 -4.88 10.70
CA ASN B 164 4.37 -3.78 11.48
C ASN B 164 5.50 -2.85 11.93
N LEU B 165 5.32 -1.57 11.66
CA LEU B 165 6.30 -0.52 11.87
C LEU B 165 5.71 0.65 12.63
N PRO B 166 6.48 1.22 13.54
CA PRO B 166 6.01 2.38 14.30
C PRO B 166 6.27 3.67 13.52
N ILE B 167 5.37 4.62 13.64
CA ILE B 167 5.52 5.93 13.01
C ILE B 167 6.67 6.66 13.70
N VAL B 168 7.41 7.50 12.98
CA VAL B 168 8.58 8.11 13.60
C VAL B 168 8.34 9.61 13.70
N GLU B 169 8.87 10.23 14.74
CA GLU B 169 8.84 11.67 14.95
C GLU B 169 9.36 12.41 13.72
N ARG B 170 8.63 13.42 13.26
CA ARG B 170 9.07 14.26 12.15
C ARG B 170 10.53 14.70 12.26
N PRO B 171 11.00 15.23 13.38
CA PRO B 171 12.40 15.65 13.48
C PRO B 171 13.35 14.50 13.11
N VAL B 172 13.21 13.38 13.80
CA VAL B 172 14.02 12.20 13.50
C VAL B 172 13.99 11.90 12.01
N CYS B 173 12.81 12.06 11.44
CA CYS B 173 12.61 11.82 10.01
C CYS B 173 13.43 12.78 9.16
N LYS B 174 13.21 14.06 9.42
CA LYS B 174 13.97 15.08 8.70
C LYS B 174 15.47 14.87 8.92
N ASP B 175 15.88 14.53 10.14
CA ASP B 175 17.30 14.38 10.47
C ASP B 175 17.96 13.14 9.94
N SER B 176 17.22 12.28 9.24
CA SER B 176 17.83 11.01 8.83
C SER B 176 18.30 11.06 7.38
N THR B 177 17.93 12.12 6.68
CA THR B 177 18.14 12.20 5.23
C THR B 177 18.52 13.61 4.82
N ARG B 178 19.00 13.74 3.58
CA ARG B 178 19.38 15.07 3.10
C ARG B 178 18.25 15.62 2.22
N ILE B 179 17.28 14.77 1.91
CA ILE B 179 16.13 15.16 1.09
C ILE B 179 15.09 15.90 1.91
N ARG B 180 14.48 16.91 1.32
CA ARG B 180 13.47 17.75 1.93
C ARG B 180 12.15 17.04 2.15
N ILE B 181 11.75 16.92 3.42
CA ILE B 181 10.51 16.26 3.79
C ILE B 181 9.34 17.21 3.85
N THR B 182 8.15 16.76 3.44
CA THR B 182 6.98 17.63 3.49
C THR B 182 5.91 17.15 4.47
N ASP B 183 4.90 18.01 4.61
CA ASP B 183 3.73 17.69 5.39
C ASP B 183 2.96 16.56 4.73
N ASN B 184 3.15 16.36 3.43
CA ASN B 184 2.44 15.29 2.76
C ASN B 184 3.13 13.93 2.88
N MET B 185 4.15 13.79 3.72
CA MET B 185 4.76 12.49 3.97
C MET B 185 4.89 12.19 5.46
N PHE B 186 5.05 10.91 5.76
CA PHE B 186 5.47 10.52 7.10
C PHE B 186 6.44 9.34 6.93
N CYS B 187 7.15 9.00 8.00
CA CYS B 187 8.08 7.88 8.02
C CYS B 187 7.78 6.92 9.17
N ALA B 188 8.15 5.69 8.93
CA ALA B 188 8.01 4.53 9.79
C ALA B 188 9.25 3.64 9.78
N GLY B 189 9.52 2.96 10.90
CA GLY B 189 10.71 2.10 10.93
C GLY B 189 11.27 2.16 12.34
N TYR B 190 11.98 1.12 12.76
CA TYR B 190 12.57 1.16 14.09
C TYR B 190 13.86 1.98 14.06
N LYS B 191 14.21 2.59 15.18
CA LYS B 191 15.50 3.24 15.37
C LYS B 191 16.60 2.18 15.45
N PRO B 192 17.84 2.54 15.17
CA PRO B 192 18.97 1.60 15.37
C PRO B 192 18.92 1.01 16.77
N ASP B 193 18.53 1.87 17.72
CA ASP B 193 18.41 1.41 19.10
C ASP B 193 17.51 0.18 19.19
N GLU B 194 16.24 0.40 18.97
CA GLU B 194 15.03 -0.34 19.18
C GLU B 194 15.03 -1.80 18.75
N GLY B 195 16.18 -2.42 18.56
CA GLY B 195 16.37 -3.83 18.41
C GLY B 195 15.69 -4.44 17.20
N LYS B 196 14.39 -4.21 17.05
CA LYS B 196 13.67 -4.77 15.90
C LYS B 196 13.92 -3.95 14.64
N ARG B 197 13.87 -4.63 13.50
CA ARG B 197 13.99 -3.96 12.21
C ARG B 197 12.86 -4.42 11.29
N GLY B 198 12.96 -4.12 10.00
CA GLY B 198 11.97 -4.40 8.99
C GLY B 198 11.66 -3.16 8.18
N ASP B 199 11.39 -3.31 6.89
CA ASP B 199 11.15 -2.12 6.08
C ASP B 199 10.43 -2.52 4.81
N ALA B 200 9.90 -1.53 4.11
CA ALA B 200 9.46 -1.76 2.74
C ALA B 200 10.74 -1.82 1.89
N CYS B 201 10.63 -2.26 0.66
CA CYS B 201 11.78 -2.26 -0.25
C CYS B 201 11.25 -2.18 -1.69
N GLU B 202 12.17 -2.18 -2.64
CA GLU B 202 11.80 -2.12 -4.05
C GLU B 202 10.76 -3.19 -4.36
N GLY B 203 9.65 -2.78 -4.96
CA GLY B 203 8.59 -3.73 -5.26
C GLY B 203 7.34 -3.53 -4.44
N ASP B 204 7.45 -2.97 -3.23
CA ASP B 204 6.29 -2.78 -2.35
C ASP B 204 5.60 -1.44 -2.59
N SER B 205 6.34 -0.57 -3.25
CA SER B 205 5.92 0.76 -3.68
C SER B 205 4.46 0.78 -4.09
N GLY B 206 3.72 1.76 -3.60
CA GLY B 206 2.30 1.87 -3.90
C GLY B 206 1.48 1.01 -2.95
N GLY B 207 2.15 0.09 -2.25
CA GLY B 207 1.40 -0.72 -1.30
C GLY B 207 0.93 0.11 -0.11
N PRO B 208 -0.09 -0.39 0.56
CA PRO B 208 -0.73 0.35 1.65
C PRO B 208 0.04 0.25 2.96
N PHE B 209 0.02 1.33 3.72
CA PHE B 209 0.36 1.33 5.15
C PHE B 209 -0.96 1.41 5.89
N VAL B 210 -1.33 0.43 6.70
CA VAL B 210 -2.65 0.46 7.32
C VAL B 210 -2.54 0.40 8.84
N MET B 211 -3.60 0.87 9.49
CA MET B 211 -3.74 0.75 10.94
C MET B 211 -5.12 0.25 11.30
N LYS B 212 -5.22 -0.46 12.42
CA LYS B 212 -6.54 -0.86 12.91
C LYS B 212 -7.01 0.08 14.01
N SER B 213 -8.13 0.75 13.77
CA SER B 213 -8.74 1.63 14.76
C SER B 213 -9.26 0.84 15.96
N PRO B 214 -8.79 1.25 17.13
CA PRO B 214 -9.24 0.62 18.38
C PRO B 214 -10.62 1.11 18.76
N PHE B 215 -11.09 2.11 18.02
CA PHE B 215 -12.37 2.76 18.21
C PHE B 215 -13.49 2.02 17.52
N ASN B 216 -13.26 1.57 16.27
CA ASN B 216 -14.38 0.87 15.62
C ASN B 216 -13.95 -0.46 15.02
N ASN B 217 -12.70 -0.86 15.28
CA ASN B 217 -12.16 -2.14 14.88
C ASN B 217 -11.98 -2.27 13.38
N ARG B 218 -11.95 -1.13 12.68
CA ARG B 218 -11.79 -1.18 11.23
C ARG B 218 -10.38 -0.88 10.79
N TRP B 219 -9.99 -1.39 9.61
CA TRP B 219 -8.67 -1.08 9.06
C TRP B 219 -8.71 0.09 8.08
N TYR B 220 -7.85 1.05 8.33
CA TYR B 220 -7.71 2.27 7.54
C TYR B 220 -6.33 2.39 6.90
N GLN B 221 -6.27 2.79 5.64
CA GLN B 221 -5.00 3.04 4.98
C GLN B 221 -4.51 4.46 5.31
N MET B 222 -3.48 4.56 6.14
CA MET B 222 -2.90 5.83 6.57
C MET B 222 -1.84 6.34 5.60
N GLY B 223 -1.15 5.37 5.00
CA GLY B 223 -0.01 5.69 4.15
C GLY B 223 0.10 4.78 2.94
N ILE B 224 0.80 5.29 1.93
CA ILE B 224 1.20 4.65 0.70
C ILE B 224 2.73 4.60 0.73
N VAL B 225 3.27 3.43 0.47
CA VAL B 225 4.69 3.16 0.34
C VAL B 225 5.24 4.05 -0.76
N SER B 226 6.19 4.91 -0.38
CA SER B 226 6.64 5.89 -1.37
C SER B 226 8.12 5.76 -1.69
N TRP B 227 8.99 6.00 -0.73
CA TRP B 227 10.42 5.93 -1.01
C TRP B 227 11.25 5.70 0.25
N GLY B 228 12.46 5.19 0.02
CA GLY B 228 13.48 5.07 1.04
C GLY B 228 14.87 5.14 0.40
N GLU B 229 15.89 5.42 1.20
CA GLU B 229 17.28 5.38 0.72
C GLU B 229 17.87 4.05 1.18
N GLY B 230 17.88 3.11 0.23
CA GLY B 230 18.17 1.72 0.55
C GLY B 230 16.92 1.07 1.12
N CYS B 231 17.06 -0.04 1.83
CA CYS B 231 15.95 -0.71 2.49
C CYS B 231 16.51 -1.26 3.80
N ASP B 232 15.85 -0.93 4.92
CA ASP B 232 16.22 -1.49 6.21
C ASP B 232 17.64 -1.07 6.55
N ARG B 233 18.01 0.15 6.13
CA ARG B 233 19.30 0.67 6.57
C ARG B 233 19.16 1.29 7.95
N ASP B 234 20.11 1.04 8.85
CA ASP B 234 20.04 1.62 10.19
C ASP B 234 20.05 3.13 10.11
N GLY B 235 19.21 3.79 10.91
CA GLY B 235 19.15 5.24 10.87
C GLY B 235 18.40 5.76 9.66
N LYS B 236 17.91 4.89 8.79
CA LYS B 236 17.11 5.36 7.65
C LYS B 236 15.68 4.87 7.85
N TYR B 237 14.70 5.53 7.25
CA TYR B 237 13.32 5.12 7.49
C TYR B 237 12.58 5.08 6.16
N GLY B 238 11.48 4.34 6.12
CA GLY B 238 10.66 4.37 4.91
C GLY B 238 9.80 5.64 4.97
N PHE B 239 9.57 6.24 3.82
CA PHE B 239 8.69 7.40 3.73
C PHE B 239 7.44 7.02 2.96
N TYR B 240 6.30 7.40 3.51
CA TYR B 240 4.97 7.04 3.03
C TYR B 240 4.15 8.25 2.64
N THR B 241 3.36 8.19 1.57
CA THR B 241 2.46 9.31 1.25
C THR B 241 1.35 9.45 2.28
N HIS B 242 1.16 10.66 2.79
CA HIS B 242 0.14 10.97 3.79
C HIS B 242 -1.24 11.04 3.15
N VAL B 243 -1.96 9.93 3.15
CA VAL B 243 -3.25 9.74 2.51
C VAL B 243 -4.33 10.69 3.02
N PHE B 244 -4.40 10.92 4.33
CA PHE B 244 -5.46 11.81 4.80
C PHE B 244 -5.27 13.19 4.18
N ARG B 245 -4.01 13.61 4.04
CA ARG B 245 -3.72 14.93 3.49
C ARG B 245 -4.23 15.12 2.07
N LEU B 246 -4.12 14.09 1.22
CA LEU B 246 -4.49 14.32 -0.17
C LEU B 246 -5.93 13.90 -0.44
N LYS B 247 -6.68 13.74 0.66
CA LYS B 247 -8.03 13.19 0.66
C LYS B 247 -8.97 14.00 -0.20
N LYS B 248 -8.89 15.34 -0.05
CA LYS B 248 -9.78 16.18 -0.87
C LYS B 248 -9.52 15.92 -2.34
N TRP B 249 -8.26 15.68 -2.73
CA TRP B 249 -7.95 15.37 -4.12
C TRP B 249 -8.57 14.02 -4.50
N ILE B 250 -8.49 13.04 -3.60
CA ILE B 250 -9.06 11.71 -3.86
C ILE B 250 -10.57 11.77 -4.02
N GLN B 251 -11.20 12.49 -3.11
CA GLN B 251 -12.64 12.75 -3.12
C GLN B 251 -13.08 13.38 -4.44
N LYS B 252 -12.44 14.52 -4.71
CA LYS B 252 -12.75 15.30 -5.90
C LYS B 252 -12.67 14.41 -7.14
N VAL B 253 -11.52 13.76 -7.32
CA VAL B 253 -11.34 12.89 -8.47
C VAL B 253 -12.45 11.84 -8.59
N ILE B 254 -12.79 11.21 -7.48
CA ILE B 254 -13.75 10.10 -7.53
C ILE B 254 -15.18 10.61 -7.64
N ASP B 255 -15.48 11.76 -7.03
CA ASP B 255 -16.89 12.20 -7.12
C ASP B 255 -17.24 12.74 -8.50
N GLN B 256 -16.24 12.90 -9.38
CA GLN B 256 -16.51 13.47 -10.70
C GLN B 256 -16.34 12.46 -11.82
N PHE B 257 -15.20 11.76 -11.91
CA PHE B 257 -15.01 10.85 -13.03
C PHE B 257 -15.75 9.54 -12.82
N GLY B 258 -16.48 9.47 -11.71
CA GLY B 258 -17.36 8.38 -11.35
C GLY B 258 -18.81 8.79 -11.52
N ASP C 2 9.29 -15.10 -14.49
CA ASP C 2 9.03 -16.13 -13.49
C ASP C 2 7.54 -16.23 -13.16
N PHE C 3 6.74 -15.36 -13.76
CA PHE C 3 5.32 -15.26 -13.51
C PHE C 3 4.49 -16.24 -14.34
N GLU C 4 3.88 -17.20 -13.67
CA GLU C 4 2.95 -18.12 -14.32
C GLU C 4 1.94 -17.31 -15.14
N GLU C 5 1.57 -17.88 -16.27
CA GLU C 5 0.73 -17.40 -17.33
C GLU C 5 -0.67 -16.99 -16.86
N ILE C 6 -0.94 -15.69 -16.92
CA ILE C 6 -2.32 -15.30 -16.63
C ILE C 6 -3.15 -15.67 -17.86
N PRO C 7 -4.46 -15.83 -17.70
CA PRO C 7 -5.25 -16.34 -18.82
C PRO C 7 -5.12 -15.40 -20.01
N GLU C 8 -5.27 -15.93 -21.22
CA GLU C 8 -5.10 -15.06 -22.39
C GLU C 8 -6.25 -14.04 -22.44
N GLU C 9 -7.35 -14.36 -21.78
CA GLU C 9 -8.55 -13.53 -21.89
C GLU C 9 -8.45 -12.26 -21.05
N TYS C 10 -7.26 -11.90 -20.62
CA TYS C 10 -7.07 -10.64 -19.82
CB TYS C 10 -6.45 -10.97 -18.46
CG TYS C 10 -7.46 -11.65 -17.56
CD1 TYS C 10 -8.72 -11.05 -17.31
CD2 TYS C 10 -7.17 -12.90 -17.02
CE1 TYS C 10 -9.65 -11.69 -16.46
CE2 TYS C 10 -8.10 -13.56 -16.20
CZ TYS C 10 -9.35 -12.96 -15.92
OH TYS C 10 -10.25 -13.60 -15.12
S TYS C 10 -9.90 -13.66 -13.63
O1 TYS C 10 -10.17 -12.60 -13.14
O2 TYS C 10 -11.04 -14.28 -13.07
O3 TYS C 10 -8.59 -14.24 -13.53
C TYS C 10 -6.20 -9.59 -20.49
O TYS C 10 -5.68 -9.83 -21.56
C1 M18 D . 10.57 2.17 -2.60
C2 M18 D . 11.53 3.06 -3.31
O1 M18 D . 12.50 4.00 -2.58
O2 M18 D . 11.48 2.97 -4.70
C3 M18 D . 12.54 3.67 -5.38
C4 M18 D . 12.25 5.20 -5.37
C5 M18 D . 11.02 5.57 -6.23
C6 M18 D . 11.36 6.92 -6.90
C7 M18 D . 12.86 6.78 -7.18
N1 M18 D . 13.29 5.95 -6.06
C8 M18 D . 14.56 6.10 -5.57
C9 M18 D . 15.59 6.97 -6.27
N2 M18 D . 15.54 8.35 -5.79
C10 M18 D . 15.95 8.62 -4.54
O3 M18 D . 15.19 9.45 -3.84
C11 M18 D . 13.90 9.75 -3.98
C12 M18 D . 13.48 10.30 -2.61
C13 M18 D . 13.86 10.87 -5.02
C14 M18 D . 12.93 8.70 -4.37
O4 M18 D . 16.98 8.11 -4.07
O5 M18 D . 14.79 5.93 -4.38
C15 M18 D . 10.78 2.04 -1.09
C16 M18 D . 9.85 2.59 -0.22
C17 M18 D . 10.01 2.52 1.17
CL1 M18 D . 8.80 3.22 2.23
C18 M18 D . 11.11 1.83 1.70
C19 M18 D . 12.07 1.29 0.83
C20 M18 D . 11.93 1.41 -0.56
NA NA E . 15.97 1.42 9.20
NA NA F . 17.87 16.58 6.95
#